data_5MEK
#
_entry.id   5MEK
#
_cell.length_a   62.740
_cell.length_b   62.740
_cell.length_c   201.500
_cell.angle_alpha   90.00
_cell.angle_beta   90.00
_cell.angle_gamma   90.00
#
_symmetry.space_group_name_H-M   'P 43 21 2'
#
loop_
_entity.id
_entity.type
_entity.pdbx_description
1 polymer 'Cytosolic sulfotransferase 18'
2 non-polymer "ADENOSINE-3'-5'-DIPHOSPHATE"
3 non-polymer 1,2-ETHANEDIOL
4 non-polymer N-PROPANOL
5 water water
#
_entity_poly.entity_id   1
_entity_poly.type   'polypeptide(L)'
_entity_poly.pdbx_seq_one_letter_code
;ESTEFEKNQKRYQDLISTFPHEKGWRPKEPLIEYGGYWWLPSLLEGCIHAQEFFQARPSDFLVCSYPKTGTTWLKALTFA
IANRSRFDDSSNPLLKRNPHEFVPYIEIDFPFFPEVDVLKDKGNTLFSTHIPYELLPDSVVKSGCKMVYIWREPKDTFIS
MWTFLHKERTELGPVSNLEESFDMFCRGLSGYGPYLNHILAYWKAYQENPDRILFLKYETMRADPLPYVKSLAEFMGHGF
TAEEEEKGVVEKVVNLCSFETLKNLEANKGEKDREDRPGVYANSAYFRKGKVGDWSNYLTPEMAARIDGLMEEKFKGTGL
LE
;
_entity_poly.pdbx_strand_id   A
#
loop_
_chem_comp.id
_chem_comp.type
_chem_comp.name
_chem_comp.formula
A3P RNA linking ADENOSINE-3'-5'-DIPHOSPHATE 'C10 H15 N5 O10 P2'
EDO non-polymer 1,2-ETHANEDIOL 'C2 H6 O2'
POL non-polymer N-PROPANOL 'C3 H8 O'
#
# COMPACT_ATOMS: atom_id res chain seq x y z
N GLU A 1 -30.82 -3.76 3.36
CA GLU A 1 -30.27 -2.60 2.59
C GLU A 1 -29.01 -1.98 3.20
N SER A 2 -28.83 -2.12 4.51
CA SER A 2 -27.56 -1.72 5.17
C SER A 2 -26.48 -2.68 4.81
N THR A 3 -25.26 -2.22 4.60
CA THR A 3 -24.18 -3.17 4.41
C THR A 3 -23.76 -3.81 5.75
N GLU A 4 -23.00 -4.88 5.67
CA GLU A 4 -22.52 -5.52 6.89
C GLU A 4 -21.71 -4.55 7.73
N PHE A 5 -20.92 -3.69 7.10
CA PHE A 5 -20.18 -2.71 7.85
C PHE A 5 -21.11 -1.76 8.55
N GLU A 6 -22.15 -1.27 7.85
CA GLU A 6 -23.01 -0.27 8.43
C GLU A 6 -23.81 -0.88 9.61
N LYS A 7 -24.17 -2.14 9.54
CA LYS A 7 -24.86 -2.79 10.62
C LYS A 7 -23.97 -2.95 11.91
N ASN A 8 -22.67 -2.93 11.73
CA ASN A 8 -21.71 -3.10 12.81
C ASN A 8 -20.96 -1.85 13.17
N GLN A 9 -21.16 -0.74 12.43
CA GLN A 9 -20.35 0.42 12.64
C GLN A 9 -20.45 1.03 14.02
N LYS A 10 -21.63 1.06 14.61
N LYS A 10 -21.64 1.03 14.59
CA LYS A 10 -21.73 1.72 15.90
CA LYS A 10 -21.83 1.67 15.90
C LYS A 10 -20.93 0.89 16.94
C LYS A 10 -21.06 0.90 16.98
N ARG A 11 -21.01 -0.42 16.86
CA ARG A 11 -20.24 -1.23 17.81
C ARG A 11 -18.75 -1.11 17.55
N TYR A 12 -18.33 -0.87 16.32
CA TYR A 12 -16.90 -0.65 16.04
C TYR A 12 -16.47 0.70 16.66
N GLN A 13 -17.29 1.72 16.43
CA GLN A 13 -17.00 3.02 17.02
C GLN A 13 -16.94 2.97 18.57
N ASP A 14 -17.90 2.28 19.18
CA ASP A 14 -17.88 2.11 20.65
C ASP A 14 -16.63 1.44 21.10
N LEU A 15 -16.29 0.34 20.45
CA LEU A 15 -15.07 -0.44 20.76
C LEU A 15 -13.82 0.39 20.74
N ILE A 16 -13.62 1.20 19.68
CA ILE A 16 -12.35 1.89 19.54
C ILE A 16 -12.28 3.17 20.33
N SER A 17 -13.42 3.62 20.80
CA SER A 17 -13.56 4.89 21.50
C SER A 17 -12.78 4.89 22.79
N THR A 18 -12.52 3.71 23.34
CA THR A 18 -11.72 3.63 24.56
C THR A 18 -10.30 3.10 24.36
N PHE A 19 -9.88 2.88 23.12
CA PHE A 19 -8.50 2.49 22.82
C PHE A 19 -7.66 3.72 23.10
N PRO A 20 -6.37 3.56 23.42
CA PRO A 20 -5.62 4.80 23.68
C PRO A 20 -5.55 5.74 22.47
N HIS A 21 -5.65 7.05 22.71
CA HIS A 21 -5.68 8.05 21.62
C HIS A 21 -4.45 8.95 21.82
N GLU A 22 -3.79 9.35 20.74
CA GLU A 22 -2.62 10.22 20.85
C GLU A 22 -2.83 11.33 19.78
N LYS A 23 -2.16 12.48 19.97
CA LYS A 23 -2.27 13.56 19.00
C LYS A 23 -1.79 12.98 17.67
N GLY A 24 -2.50 13.28 16.59
CA GLY A 24 -2.04 12.76 15.29
C GLY A 24 -1.39 13.84 14.42
N TRP A 25 -1.48 13.69 13.10
CA TRP A 25 -0.91 14.67 12.18
C TRP A 25 -1.86 15.81 11.73
N ARG A 26 -3.11 15.80 12.21
CA ARG A 26 -4.05 16.86 12.00
C ARG A 26 -4.71 17.12 13.32
N PRO A 27 -5.16 18.38 13.52
CA PRO A 27 -5.71 18.79 14.77
C PRO A 27 -6.97 18.11 15.14
N LYS A 28 -7.82 17.68 14.19
CA LYS A 28 -9.02 16.95 14.58
C LYS A 28 -8.97 15.49 14.35
N GLU A 29 -7.77 14.97 14.12
CA GLU A 29 -7.62 13.59 13.76
C GLU A 29 -6.55 12.90 14.66
N PRO A 30 -7.01 12.27 15.74
CA PRO A 30 -6.09 11.58 16.63
C PRO A 30 -5.59 10.28 15.94
N LEU A 31 -4.54 9.68 16.46
CA LEU A 31 -4.12 8.36 16.09
C LEU A 31 -4.62 7.48 17.26
N ILE A 32 -4.97 6.26 16.95
CA ILE A 32 -5.54 5.32 17.92
C ILE A 32 -4.69 4.08 17.90
N GLU A 33 -4.35 3.57 19.08
CA GLU A 33 -3.47 2.41 19.19
C GLU A 33 -4.24 1.10 19.24
N TYR A 34 -3.88 0.20 18.33
CA TYR A 34 -4.42 -1.15 18.32
C TYR A 34 -3.33 -2.13 17.93
N GLY A 35 -3.10 -3.14 18.76
CA GLY A 35 -2.14 -4.18 18.46
C GLY A 35 -0.69 -3.77 18.37
N GLY A 36 -0.34 -2.68 19.05
CA GLY A 36 1.00 -2.16 19.03
C GLY A 36 1.29 -1.24 17.86
N TYR A 37 0.26 -0.93 17.10
CA TYR A 37 0.38 -0.05 15.95
C TYR A 37 -0.60 1.11 16.09
N TRP A 38 -0.32 2.20 15.39
CA TRP A 38 -1.17 3.38 15.44
C TRP A 38 -1.98 3.54 14.16
N TRP A 39 -3.18 4.04 14.31
CA TRP A 39 -4.24 4.08 13.27
C TRP A 39 -4.99 5.38 13.15
N LEU A 40 -5.34 5.73 11.90
CA LEU A 40 -6.43 6.69 11.76
C LEU A 40 -7.70 6.04 12.16
N PRO A 41 -8.65 6.76 12.77
CA PRO A 41 -9.85 6.16 13.25
C PRO A 41 -10.68 5.35 12.20
N SER A 42 -10.87 5.95 11.01
CA SER A 42 -11.58 5.25 9.94
C SER A 42 -10.94 4.00 9.51
N LEU A 43 -9.61 4.02 9.36
CA LEU A 43 -8.88 2.90 8.89
C LEU A 43 -8.88 1.77 9.96
N LEU A 44 -8.91 2.18 11.23
CA LEU A 44 -9.04 1.17 12.29
C LEU A 44 -10.38 0.51 12.23
N GLU A 45 -11.48 1.25 12.03
CA GLU A 45 -12.81 0.64 11.90
C GLU A 45 -12.81 -0.32 10.69
N GLY A 46 -12.15 0.07 9.60
CA GLY A 46 -12.03 -0.87 8.46
C GLY A 46 -11.27 -2.14 8.79
N CYS A 47 -10.18 -1.96 9.52
CA CYS A 47 -9.32 -3.11 9.91
C CYS A 47 -10.14 -4.06 10.78
N ILE A 48 -10.86 -3.52 11.74
CA ILE A 48 -11.67 -4.38 12.66
C ILE A 48 -12.69 -5.16 11.80
N HIS A 49 -13.30 -4.46 10.85
CA HIS A 49 -14.26 -5.10 10.01
C HIS A 49 -13.66 -6.21 9.20
N ALA A 50 -12.52 -5.98 8.58
CA ALA A 50 -11.82 -6.95 7.80
C ALA A 50 -11.49 -8.18 8.68
N GLN A 51 -11.01 -7.87 9.89
CA GLN A 51 -10.71 -8.96 10.83
C GLN A 51 -11.91 -9.80 11.10
N GLU A 52 -13.12 -9.24 11.23
CA GLU A 52 -14.22 -10.02 11.57
C GLU A 52 -14.89 -10.70 10.38
N PHE A 53 -14.79 -10.10 9.19
CA PHE A 53 -15.60 -10.51 8.01
C PHE A 53 -14.87 -10.90 6.74
N PHE A 54 -13.61 -10.53 6.54
CA PHE A 54 -12.93 -10.85 5.34
C PHE A 54 -12.59 -12.37 5.24
N GLN A 55 -12.99 -13.02 4.14
CA GLN A 55 -12.75 -14.46 3.90
C GLN A 55 -11.86 -14.73 2.73
N ALA A 56 -10.61 -14.88 3.00
CA ALA A 56 -9.60 -15.12 2.03
C ALA A 56 -9.74 -16.51 1.49
N ARG A 57 -9.27 -16.71 0.26
CA ARG A 57 -9.19 -18.04 -0.37
C ARG A 57 -7.75 -18.32 -0.69
N PRO A 58 -7.36 -19.63 -0.79
CA PRO A 58 -6.01 -20.02 -1.11
C PRO A 58 -5.50 -19.42 -2.43
N SER A 59 -6.41 -19.11 -3.37
CA SER A 59 -6.02 -18.61 -4.64
C SER A 59 -5.93 -17.10 -4.64
N ASP A 60 -6.29 -16.45 -3.55
CA ASP A 60 -6.12 -15.02 -3.47
C ASP A 60 -4.66 -14.58 -3.47
N PHE A 61 -4.42 -13.32 -3.86
CA PHE A 61 -3.06 -12.81 -3.95
C PHE A 61 -3.11 -11.41 -3.30
N LEU A 62 -2.33 -11.20 -2.24
CA LEU A 62 -2.42 -10.01 -1.40
C LEU A 62 -1.17 -9.15 -1.55
N VAL A 63 -1.38 -7.89 -1.95
CA VAL A 63 -0.39 -6.88 -2.03
C VAL A 63 -0.33 -6.16 -0.69
N CYS A 64 0.83 -6.23 -0.04
CA CYS A 64 1.02 -5.73 1.31
C CYS A 64 2.12 -4.67 1.33
N SER A 65 1.85 -3.56 2.01
CA SER A 65 2.83 -2.50 2.13
C SER A 65 2.52 -1.58 3.29
N TYR A 66 3.52 -0.83 3.75
CA TYR A 66 3.28 0.38 4.53
C TYR A 66 2.95 1.50 3.54
N PRO A 67 2.11 2.46 3.89
CA PRO A 67 1.80 3.46 2.84
C PRO A 67 3.01 4.23 2.33
N LYS A 68 3.02 4.48 1.02
CA LYS A 68 3.98 5.33 0.35
C LYS A 68 5.26 4.67 -0.01
N THR A 69 5.23 3.33 -0.06
CA THR A 69 6.36 2.58 -0.40
C THR A 69 6.33 1.93 -1.75
N GLY A 70 5.25 2.16 -2.48
CA GLY A 70 5.14 1.56 -3.84
C GLY A 70 3.88 0.76 -4.11
N THR A 71 2.85 0.99 -3.35
CA THR A 71 1.56 0.32 -3.41
C THR A 71 0.88 0.47 -4.78
N THR A 72 0.82 1.70 -5.25
CA THR A 72 0.14 1.99 -6.55
C THR A 72 0.85 1.34 -7.70
N TRP A 73 2.16 1.38 -7.68
CA TRP A 73 2.97 0.71 -8.61
C TRP A 73 2.75 -0.80 -8.64
N LEU A 74 2.87 -1.44 -7.47
CA LEU A 74 2.58 -2.84 -7.37
C LEU A 74 1.16 -3.26 -7.79
N LYS A 75 0.17 -2.45 -7.46
CA LYS A 75 -1.17 -2.67 -7.92
C LYS A 75 -1.21 -2.72 -9.46
N ALA A 76 -0.57 -1.75 -10.12
CA ALA A 76 -0.58 -1.72 -11.60
C ALA A 76 0.14 -2.98 -12.14
N LEU A 77 1.33 -3.32 -11.57
CA LEU A 77 2.10 -4.41 -12.03
C LEU A 77 1.36 -5.76 -11.88
N THR A 78 0.75 -5.98 -10.72
CA THR A 78 0.06 -7.21 -10.45
C THR A 78 -1.17 -7.37 -11.42
N PHE A 79 -1.92 -6.29 -11.58
CA PHE A 79 -3.08 -6.32 -12.46
C PHE A 79 -2.61 -6.59 -13.87
N ALA A 80 -1.55 -5.92 -14.29
CA ALA A 80 -1.11 -5.98 -15.68
C ALA A 80 -0.61 -7.39 -15.95
N ILE A 81 0.19 -7.92 -15.00
CA ILE A 81 0.70 -9.27 -15.17
C ILE A 81 -0.42 -10.33 -15.28
N ALA A 82 -1.43 -10.28 -14.42
CA ALA A 82 -2.43 -11.30 -14.33
C ALA A 82 -3.42 -11.21 -15.51
N ASN A 83 -3.51 -10.06 -16.15
CA ASN A 83 -4.54 -9.87 -17.14
C ASN A 83 -4.02 -9.68 -18.52
N ARG A 84 -2.72 -9.92 -18.73
CA ARG A 84 -2.09 -9.53 -19.99
C ARG A 84 -2.64 -10.25 -21.23
N SER A 85 -3.24 -11.44 -21.01
N SER A 85 -3.18 -11.44 -21.10
CA SER A 85 -3.87 -12.30 -22.04
CA SER A 85 -3.68 -12.11 -22.27
C SER A 85 -5.17 -11.66 -22.56
C SER A 85 -4.93 -11.38 -22.77
N ARG A 86 -5.62 -10.65 -21.86
CA ARG A 86 -6.90 -10.00 -22.17
C ARG A 86 -6.77 -8.72 -22.94
N PHE A 87 -5.66 -8.04 -22.74
CA PHE A 87 -5.49 -6.68 -23.16
C PHE A 87 -4.18 -6.44 -23.85
N ASP A 88 -4.23 -5.80 -25.02
CA ASP A 88 -3.01 -5.12 -25.60
C ASP A 88 -2.58 -4.00 -24.67
N ASP A 89 -1.30 -3.64 -24.65
CA ASP A 89 -0.92 -2.50 -23.81
C ASP A 89 -1.64 -1.22 -24.19
N SER A 90 -1.95 -1.02 -25.45
CA SER A 90 -2.67 0.21 -25.87
C SER A 90 -4.16 0.30 -25.54
N SER A 91 -4.80 -0.81 -25.14
CA SER A 91 -6.19 -0.75 -24.69
C SER A 91 -6.34 -1.39 -23.25
N ASN A 92 -5.28 -1.31 -22.48
CA ASN A 92 -5.36 -1.80 -21.12
C ASN A 92 -6.17 -0.85 -20.24
N PRO A 93 -6.91 -1.40 -19.32
CA PRO A 93 -7.73 -0.55 -18.48
C PRO A 93 -6.94 0.42 -17.56
N LEU A 94 -5.68 0.12 -17.32
CA LEU A 94 -4.84 0.98 -16.51
C LEU A 94 -4.61 2.30 -17.26
N LEU A 95 -4.94 2.35 -18.57
CA LEU A 95 -4.89 3.67 -19.22
C LEU A 95 -6.02 4.57 -18.90
N LYS A 96 -7.09 4.08 -18.35
CA LYS A 96 -8.27 4.90 -18.12
C LYS A 96 -8.65 5.08 -16.70
N ARG A 97 -8.09 4.24 -15.81
CA ARG A 97 -8.47 4.32 -14.41
C ARG A 97 -7.24 4.13 -13.53
N ASN A 98 -7.32 4.77 -12.37
CA ASN A 98 -6.27 4.72 -11.37
C ASN A 98 -6.07 3.23 -10.92
N PRO A 99 -4.81 2.76 -10.79
CA PRO A 99 -4.59 1.34 -10.47
C PRO A 99 -5.32 0.89 -9.23
N HIS A 100 -5.62 1.81 -8.29
CA HIS A 100 -6.38 1.40 -7.08
C HIS A 100 -7.78 0.88 -7.32
N GLU A 101 -8.39 1.21 -8.48
CA GLU A 101 -9.67 0.64 -8.75
C GLU A 101 -9.62 -0.88 -9.03
N PHE A 102 -8.47 -1.42 -9.40
CA PHE A 102 -8.36 -2.81 -9.88
C PHE A 102 -7.97 -3.79 -8.76
N VAL A 103 -7.54 -3.27 -7.63
CA VAL A 103 -7.04 -4.09 -6.53
C VAL A 103 -7.62 -3.52 -5.20
N PRO A 104 -8.71 -4.10 -4.69
CA PRO A 104 -9.44 -3.48 -3.61
C PRO A 104 -8.62 -3.71 -2.30
N TYR A 105 -8.71 -2.74 -1.40
CA TYR A 105 -8.16 -2.81 -0.07
C TYR A 105 -9.09 -3.61 0.80
N ILE A 106 -8.56 -4.55 1.56
CA ILE A 106 -9.38 -5.26 2.48
C ILE A 106 -9.92 -4.41 3.68
N GLU A 107 -9.20 -3.34 4.06
CA GLU A 107 -9.66 -2.44 5.11
C GLU A 107 -10.30 -1.15 4.65
N ILE A 108 -10.38 -0.93 3.33
CA ILE A 108 -11.03 0.31 2.86
C ILE A 108 -12.18 0.00 1.92
N ASP A 109 -11.88 -0.61 0.80
CA ASP A 109 -12.97 -0.94 -0.14
C ASP A 109 -13.94 -2.01 0.39
N PHE A 110 -13.41 -3.08 0.99
CA PHE A 110 -14.25 -4.10 1.55
C PHE A 110 -15.28 -3.67 2.56
N PRO A 111 -14.84 -2.83 3.51
CA PRO A 111 -15.80 -2.35 4.48
C PRO A 111 -16.66 -1.21 4.02
N PHE A 112 -16.02 -0.22 3.43
CA PHE A 112 -16.71 1.05 3.13
C PHE A 112 -17.42 1.09 1.74
N PHE A 113 -16.89 0.34 0.78
CA PHE A 113 -17.42 0.33 -0.62
C PHE A 113 -17.63 -1.04 -1.21
N PRO A 114 -18.39 -1.88 -0.49
CA PRO A 114 -18.49 -3.27 -0.80
C PRO A 114 -19.20 -3.50 -2.11
N GLU A 115 -19.92 -2.49 -2.60
CA GLU A 115 -20.65 -2.64 -3.86
C GLU A 115 -19.82 -2.37 -5.09
N VAL A 116 -18.53 -2.10 -4.99
CA VAL A 116 -17.69 -1.90 -6.18
C VAL A 116 -17.64 -3.20 -7.00
N ASP A 117 -17.68 -3.05 -8.33
CA ASP A 117 -17.73 -4.24 -9.16
C ASP A 117 -16.67 -5.31 -8.82
N VAL A 118 -15.45 -4.89 -8.55
CA VAL A 118 -14.35 -5.83 -8.40
C VAL A 118 -14.61 -6.79 -7.21
N LEU A 119 -15.24 -6.27 -6.18
CA LEU A 119 -15.59 -7.02 -4.94
C LEU A 119 -16.76 -7.95 -5.12
N LYS A 120 -17.57 -7.75 -6.18
CA LYS A 120 -18.62 -8.68 -6.51
C LYS A 120 -18.24 -9.79 -7.49
N ASP A 121 -17.03 -9.72 -8.03
CA ASP A 121 -16.48 -10.61 -9.06
C ASP A 121 -15.62 -11.69 -8.38
N LYS A 122 -16.16 -12.90 -8.23
CA LYS A 122 -15.36 -13.99 -7.58
C LYS A 122 -14.20 -14.40 -8.44
N GLY A 123 -14.17 -13.97 -9.71
CA GLY A 123 -13.00 -14.15 -10.54
C GLY A 123 -11.79 -13.26 -10.18
N ASN A 124 -12.05 -12.21 -9.41
CA ASN A 124 -10.93 -11.38 -8.94
C ASN A 124 -10.19 -12.14 -7.81
N THR A 125 -8.90 -12.20 -7.93
CA THR A 125 -8.06 -12.72 -6.90
C THR A 125 -7.13 -11.68 -6.28
N LEU A 126 -7.15 -10.44 -6.75
CA LEU A 126 -6.18 -9.45 -6.28
C LEU A 126 -6.76 -8.59 -5.19
N PHE A 127 -5.99 -8.43 -4.09
CA PHE A 127 -6.37 -7.65 -2.96
C PHE A 127 -5.10 -6.93 -2.46
N SER A 128 -5.35 -5.88 -1.70
CA SER A 128 -4.27 -5.15 -1.01
C SER A 128 -4.62 -4.83 0.43
N THR A 129 -3.54 -4.54 1.18
CA THR A 129 -3.72 -4.06 2.53
C THR A 129 -2.49 -3.36 3.03
N HIS A 130 -2.71 -2.50 4.02
CA HIS A 130 -1.62 -1.97 4.83
C HIS A 130 -1.63 -2.54 6.21
N ILE A 131 -2.54 -3.43 6.47
CA ILE A 131 -2.66 -4.00 7.85
C ILE A 131 -1.34 -4.72 8.17
N PRO A 132 -0.79 -4.47 9.39
CA PRO A 132 0.39 -5.19 9.82
C PRO A 132 0.16 -6.72 9.87
N TYR A 133 1.21 -7.42 9.57
CA TYR A 133 1.21 -8.89 9.43
C TYR A 133 0.54 -9.52 10.65
N GLU A 134 0.93 -9.01 11.83
CA GLU A 134 0.40 -9.59 13.07
C GLU A 134 -1.10 -9.40 13.25
N LEU A 135 -1.70 -8.44 12.51
CA LEU A 135 -3.06 -8.11 12.63
C LEU A 135 -3.99 -8.51 11.45
N LEU A 136 -3.39 -9.22 10.53
CA LEU A 136 -4.15 -9.69 9.34
C LEU A 136 -5.31 -10.56 9.75
N PRO A 137 -6.41 -10.52 9.00
CA PRO A 137 -7.56 -11.38 9.28
C PRO A 137 -7.10 -12.86 9.33
N ASP A 138 -7.65 -13.59 10.30
CA ASP A 138 -7.19 -14.97 10.53
C ASP A 138 -7.37 -15.79 9.24
N SER A 139 -8.44 -15.51 8.49
CA SER A 139 -8.65 -16.18 7.14
C SER A 139 -7.48 -16.01 6.21
N VAL A 140 -6.90 -14.81 6.19
CA VAL A 140 -5.80 -14.62 5.29
C VAL A 140 -4.66 -15.58 5.60
N VAL A 141 -4.29 -15.59 6.89
CA VAL A 141 -3.15 -16.33 7.29
C VAL A 141 -3.43 -17.84 7.13
N LYS A 142 -4.59 -18.27 7.49
CA LYS A 142 -5.01 -19.69 7.34
C LYS A 142 -5.19 -20.20 5.92
N SER A 143 -5.59 -19.35 4.99
CA SER A 143 -5.82 -19.75 3.59
C SER A 143 -4.56 -20.19 2.88
N GLY A 144 -3.41 -19.76 3.36
CA GLY A 144 -2.13 -19.92 2.73
C GLY A 144 -1.90 -19.05 1.52
N CYS A 145 -2.77 -18.05 1.32
CA CYS A 145 -2.69 -17.22 0.10
C CYS A 145 -1.37 -16.49 0.03
N LYS A 146 -0.81 -16.37 -1.16
CA LYS A 146 0.46 -15.75 -1.38
C LYS A 146 0.36 -14.21 -1.23
N MET A 147 1.48 -13.66 -0.82
CA MET A 147 1.62 -12.22 -0.47
C MET A 147 2.82 -11.67 -1.10
N VAL A 148 2.76 -10.36 -1.52
CA VAL A 148 3.92 -9.65 -1.92
C VAL A 148 4.00 -8.44 -1.03
N TYR A 149 5.18 -8.23 -0.43
CA TYR A 149 5.44 -7.08 0.43
C TYR A 149 6.45 -6.21 -0.17
N ILE A 150 6.20 -4.87 -0.21
CA ILE A 150 7.18 -3.92 -0.65
C ILE A 150 7.51 -2.97 0.47
N TRP A 151 8.77 -2.63 0.56
CA TRP A 151 9.23 -1.51 1.40
C TRP A 151 10.13 -0.57 0.66
N ARG A 152 10.39 0.56 1.34
CA ARG A 152 11.12 1.71 0.77
C ARG A 152 12.05 2.39 1.83
N GLU A 153 13.16 2.94 1.35
CA GLU A 153 14.05 3.74 2.21
C GLU A 153 13.23 4.72 3.06
N PRO A 154 13.44 4.74 4.40
CA PRO A 154 12.47 5.46 5.24
C PRO A 154 12.38 7.03 5.08
N LYS A 155 13.45 7.68 4.74
CA LYS A 155 13.45 9.15 4.48
C LYS A 155 12.57 9.50 3.30
N ASP A 156 12.68 8.74 2.21
CA ASP A 156 11.87 8.97 1.05
C ASP A 156 10.42 8.64 1.37
N THR A 157 10.18 7.60 2.22
CA THR A 157 8.86 7.19 2.57
C THR A 157 8.15 8.23 3.35
N PHE A 158 8.86 8.82 4.32
CA PHE A 158 8.32 9.85 5.14
C PHE A 158 7.92 11.08 4.25
N ILE A 159 8.81 11.49 3.37
CA ILE A 159 8.59 12.65 2.45
C ILE A 159 7.45 12.40 1.48
N SER A 160 7.33 11.14 1.02
CA SER A 160 6.20 10.75 0.16
C SER A 160 4.94 10.90 0.87
N MET A 161 4.91 10.46 2.12
N MET A 161 4.85 10.47 2.15
CA MET A 161 3.78 10.60 2.97
CA MET A 161 3.62 10.66 2.93
C MET A 161 3.38 12.04 3.37
C MET A 161 3.34 12.11 3.36
N TRP A 162 4.36 12.82 3.81
CA TRP A 162 4.13 14.16 4.31
C TRP A 162 3.60 15.08 3.16
N THR A 163 4.20 14.99 1.98
CA THR A 163 3.69 15.75 0.85
C THR A 163 2.28 15.29 0.48
N PHE A 164 2.07 13.99 0.47
CA PHE A 164 0.82 13.39 0.01
C PHE A 164 -0.34 13.87 0.88
N LEU A 165 -0.08 13.95 2.16
CA LEU A 165 -1.08 14.37 3.15
C LEU A 165 -1.61 15.78 2.92
N HIS A 166 -0.81 16.61 2.29
CA HIS A 166 -1.29 17.96 1.91
C HIS A 166 -2.42 17.98 0.89
N LYS A 167 -2.68 16.83 0.25
CA LYS A 167 -3.58 16.69 -0.88
C LYS A 167 -4.86 15.98 -0.50
N GLU A 168 -5.05 15.61 0.78
CA GLU A 168 -6.20 14.90 1.21
C GLU A 168 -7.37 15.81 1.27
N ARG A 169 -8.50 15.32 0.79
CA ARG A 169 -9.76 15.99 0.96
C ARG A 169 -10.32 15.70 2.36
N THR A 170 -10.27 16.68 3.28
CA THR A 170 -10.63 16.42 4.68
C THR A 170 -11.09 17.70 5.34
N GLU A 171 -12.01 17.62 6.30
CA GLU A 171 -12.26 18.77 7.15
C GLU A 171 -11.63 18.54 8.54
N LEU A 172 -10.61 17.69 8.64
CA LEU A 172 -10.00 17.46 9.97
C LEU A 172 -8.77 18.32 10.18
N GLY A 173 -8.51 19.29 9.29
CA GLY A 173 -7.42 20.24 9.46
C GLY A 173 -6.13 20.00 8.71
N PRO A 174 -5.26 21.03 8.60
CA PRO A 174 -3.97 20.88 7.97
C PRO A 174 -2.98 19.98 8.66
N VAL A 175 -2.06 19.44 7.89
CA VAL A 175 -1.07 18.49 8.41
C VAL A 175 -0.03 19.19 9.23
N SER A 176 0.47 18.54 10.29
N SER A 176 0.47 18.51 10.26
CA SER A 176 1.52 19.16 11.09
CA SER A 176 1.56 19.04 11.06
C SER A 176 2.72 19.46 10.26
C SER A 176 2.75 19.45 10.24
N ASN A 177 3.54 20.38 10.78
CA ASN A 177 4.70 20.84 10.08
C ASN A 177 5.75 19.80 9.87
N LEU A 178 6.74 20.13 9.11
CA LEU A 178 7.69 19.14 8.75
C LEU A 178 8.40 18.55 9.98
N GLU A 179 8.85 19.40 10.86
CA GLU A 179 9.60 18.90 12.05
C GLU A 179 8.74 18.11 13.00
N GLU A 180 7.52 18.54 13.32
CA GLU A 180 6.62 17.77 14.19
C GLU A 180 6.19 16.46 13.57
N SER A 181 5.84 16.51 12.29
CA SER A 181 5.51 15.28 11.53
C SER A 181 6.67 14.31 11.57
N PHE A 182 7.92 14.75 11.28
CA PHE A 182 9.02 13.85 11.25
C PHE A 182 9.30 13.26 12.64
N ASP A 183 9.19 14.11 13.67
CA ASP A 183 9.38 13.62 15.06
C ASP A 183 8.36 12.48 15.35
N MET A 184 7.11 12.71 15.01
N MET A 184 7.10 12.70 14.99
CA MET A 184 6.08 11.70 15.17
CA MET A 184 6.07 11.69 15.17
C MET A 184 6.42 10.42 14.42
C MET A 184 6.39 10.40 14.41
N PHE A 185 6.80 10.54 13.14
CA PHE A 185 7.22 9.40 12.30
C PHE A 185 8.35 8.60 12.95
N CYS A 186 9.36 9.31 13.47
CA CYS A 186 10.48 8.67 14.14
C CYS A 186 10.09 7.94 15.44
N ARG A 187 9.16 8.50 16.19
CA ARG A 187 8.53 7.86 17.36
C ARG A 187 7.55 6.76 17.06
N GLY A 188 7.30 6.51 15.77
CA GLY A 188 6.36 5.49 15.34
C GLY A 188 4.89 5.88 15.38
N LEU A 189 4.59 7.16 15.72
CA LEU A 189 3.27 7.71 15.75
C LEU A 189 2.91 8.18 14.32
N SER A 190 2.54 7.21 13.52
CA SER A 190 2.09 7.40 12.10
C SER A 190 1.05 6.36 11.79
N GLY A 191 0.28 6.58 10.74
CA GLY A 191 -0.77 5.63 10.42
C GLY A 191 -0.17 4.31 10.00
N TYR A 192 -0.61 3.23 10.64
CA TYR A 192 -0.11 1.90 10.39
C TYR A 192 1.31 1.74 10.96
N GLY A 193 1.77 2.74 11.71
CA GLY A 193 3.11 2.79 12.24
C GLY A 193 3.13 2.00 13.59
N PRO A 194 4.37 1.74 14.04
CA PRO A 194 5.66 2.18 13.53
C PRO A 194 6.16 1.53 12.26
N TYR A 195 6.59 2.38 11.34
CA TYR A 195 6.99 1.89 10.01
C TYR A 195 8.00 0.75 10.10
N LEU A 196 9.05 0.97 10.90
CA LEU A 196 10.10 -0.01 10.97
C LEU A 196 9.55 -1.37 11.59
N ASN A 197 8.61 -1.30 12.48
CA ASN A 197 8.02 -2.53 13.05
C ASN A 197 7.15 -3.26 11.98
N HIS A 198 6.41 -2.46 11.20
CA HIS A 198 5.63 -3.00 10.05
C HIS A 198 6.51 -3.84 9.13
N ILE A 199 7.66 -3.33 8.72
CA ILE A 199 8.54 -4.03 7.86
C ILE A 199 9.03 -5.35 8.54
N LEU A 200 9.50 -5.17 9.77
CA LEU A 200 10.18 -6.30 10.45
C LEU A 200 9.21 -7.47 10.63
N ALA A 201 7.97 -7.25 10.97
CA ALA A 201 7.05 -8.36 11.11
C ALA A 201 6.78 -9.15 9.81
N TYR A 202 6.60 -8.47 8.66
CA TYR A 202 6.56 -9.17 7.39
C TYR A 202 7.86 -9.82 7.00
N TRP A 203 8.99 -9.23 7.38
CA TRP A 203 10.27 -9.79 7.05
C TRP A 203 10.43 -11.17 7.82
N LYS A 204 10.03 -11.16 9.06
CA LYS A 204 10.07 -12.36 9.89
C LYS A 204 9.15 -13.41 9.24
N ALA A 205 7.96 -12.97 8.79
CA ALA A 205 7.01 -13.88 8.14
C ALA A 205 7.59 -14.50 6.94
N TYR A 206 8.28 -13.69 6.13
CA TYR A 206 8.96 -14.17 4.96
C TYR A 206 10.04 -15.24 5.24
N GLN A 207 10.84 -14.96 6.27
CA GLN A 207 11.92 -15.84 6.67
C GLN A 207 11.37 -17.20 7.09
N GLU A 208 10.21 -17.20 7.75
CA GLU A 208 9.57 -18.41 8.15
C GLU A 208 8.90 -19.16 7.00
N ASN A 209 8.37 -18.45 6.00
CA ASN A 209 7.75 -19.10 4.86
C ASN A 209 7.99 -18.36 3.58
N PRO A 210 9.17 -18.53 3.03
CA PRO A 210 9.67 -17.83 1.88
C PRO A 210 9.02 -18.25 0.60
N ASP A 211 8.33 -19.40 0.60
CA ASP A 211 7.48 -19.78 -0.52
C ASP A 211 6.20 -18.98 -0.66
N ARG A 212 5.70 -18.47 0.48
CA ARG A 212 4.43 -17.84 0.54
C ARG A 212 4.50 -16.30 0.26
N ILE A 213 5.66 -15.74 0.54
CA ILE A 213 5.87 -14.27 0.54
C ILE A 213 7.00 -13.87 -0.32
N LEU A 214 6.77 -12.86 -1.19
CA LEU A 214 7.80 -12.31 -2.05
C LEU A 214 8.10 -10.91 -1.48
N PHE A 215 9.38 -10.66 -1.20
CA PHE A 215 9.75 -9.43 -0.48
C PHE A 215 10.40 -8.58 -1.54
N LEU A 216 9.87 -7.38 -1.80
CA LEU A 216 10.42 -6.46 -2.79
C LEU A 216 10.82 -5.15 -2.13
N LYS A 217 11.66 -4.41 -2.81
CA LYS A 217 12.21 -3.14 -2.26
C LYS A 217 12.15 -2.09 -3.37
N TYR A 218 11.51 -0.97 -3.11
CA TYR A 218 11.25 0.10 -4.09
C TYR A 218 12.50 0.46 -4.92
N GLU A 219 13.60 0.75 -4.24
CA GLU A 219 14.77 1.31 -4.87
C GLU A 219 15.40 0.26 -5.75
N THR A 220 15.39 -0.98 -5.30
CA THR A 220 15.90 -2.07 -6.09
C THR A 220 15.09 -2.30 -7.38
N MET A 221 13.78 -2.29 -7.25
CA MET A 221 12.91 -2.43 -8.47
C MET A 221 13.02 -1.26 -9.40
N ARG A 222 13.16 -0.06 -8.82
CA ARG A 222 13.18 1.15 -9.58
C ARG A 222 14.46 1.13 -10.46
N ALA A 223 15.57 0.64 -9.92
CA ALA A 223 16.81 0.70 -10.65
C ALA A 223 16.99 -0.43 -11.66
N ASP A 224 16.32 -1.54 -11.42
CA ASP A 224 16.39 -2.75 -12.23
C ASP A 224 15.06 -3.57 -12.24
N PRO A 225 14.04 -3.04 -12.88
CA PRO A 225 12.70 -3.61 -12.74
C PRO A 225 12.45 -4.96 -13.39
N LEU A 226 13.10 -5.22 -14.52
CA LEU A 226 12.81 -6.47 -15.22
C LEU A 226 12.96 -7.76 -14.42
N PRO A 227 14.10 -8.01 -13.77
CA PRO A 227 14.18 -9.28 -13.03
C PRO A 227 13.11 -9.45 -11.98
N TYR A 228 12.73 -8.34 -11.32
CA TYR A 228 11.76 -8.40 -10.23
C TYR A 228 10.35 -8.62 -10.76
N VAL A 229 10.07 -8.00 -11.89
CA VAL A 229 8.75 -8.20 -12.57
C VAL A 229 8.58 -9.63 -13.07
N LYS A 230 9.66 -10.20 -13.57
CA LYS A 230 9.63 -11.61 -13.93
C LYS A 230 9.44 -12.50 -12.74
N SER A 231 10.15 -12.19 -11.66
N SER A 231 10.12 -12.18 -11.64
CA SER A 231 10.00 -12.89 -10.39
CA SER A 231 9.96 -12.93 -10.41
C SER A 231 8.57 -12.83 -9.86
C SER A 231 8.55 -12.84 -9.86
N LEU A 232 8.00 -11.62 -9.84
CA LEU A 232 6.64 -11.43 -9.45
C LEU A 232 5.68 -12.25 -10.28
N ALA A 233 5.87 -12.26 -11.60
CA ALA A 233 4.92 -12.97 -12.49
C ALA A 233 4.92 -14.45 -12.21
N GLU A 234 6.12 -14.98 -12.07
CA GLU A 234 6.33 -16.37 -11.66
C GLU A 234 5.72 -16.70 -10.34
N PHE A 235 5.92 -15.84 -9.31
CA PHE A 235 5.31 -16.05 -8.01
C PHE A 235 3.81 -16.04 -8.00
N MET A 236 3.23 -15.22 -8.88
CA MET A 236 1.80 -15.12 -9.03
C MET A 236 1.20 -16.35 -9.73
N GLY A 237 2.04 -17.15 -10.36
CA GLY A 237 1.58 -18.22 -11.22
C GLY A 237 1.20 -17.81 -12.62
N HIS A 238 1.84 -16.75 -13.13
CA HIS A 238 1.62 -16.15 -14.46
C HIS A 238 2.96 -15.82 -15.05
N GLY A 239 3.93 -16.72 -14.89
CA GLY A 239 5.25 -16.43 -15.37
C GLY A 239 5.30 -16.25 -16.87
N PHE A 240 6.25 -15.50 -17.33
CA PHE A 240 6.39 -15.17 -18.69
C PHE A 240 6.96 -16.36 -19.43
N THR A 241 6.47 -16.66 -20.62
CA THR A 241 7.00 -17.82 -21.40
C THR A 241 8.20 -17.32 -22.17
N ALA A 242 9.04 -18.26 -22.66
CA ALA A 242 10.15 -17.92 -23.49
C ALA A 242 9.71 -17.11 -24.67
N GLU A 243 8.58 -17.47 -25.24
CA GLU A 243 8.04 -16.71 -26.36
C GLU A 243 7.68 -15.23 -26.00
N GLU A 244 6.94 -15.05 -24.92
CA GLU A 244 6.65 -13.69 -24.43
C GLU A 244 7.92 -12.85 -24.20
N GLU A 245 8.91 -13.44 -23.58
CA GLU A 245 10.18 -12.75 -23.34
C GLU A 245 10.80 -12.26 -24.65
N GLU A 246 10.91 -13.11 -25.65
CA GLU A 246 11.58 -12.68 -26.88
C GLU A 246 10.74 -11.73 -27.71
N LYS A 247 9.45 -11.67 -27.49
CA LYS A 247 8.66 -10.67 -28.12
C LYS A 247 8.58 -9.40 -27.26
N GLY A 248 9.34 -9.30 -26.20
CA GLY A 248 9.37 -8.05 -25.40
C GLY A 248 8.14 -7.71 -24.58
N VAL A 249 7.33 -8.73 -24.31
CA VAL A 249 6.21 -8.59 -23.39
C VAL A 249 6.61 -8.02 -22.05
N VAL A 250 7.74 -8.41 -21.51
CA VAL A 250 8.08 -7.95 -20.14
C VAL A 250 8.30 -6.46 -20.15
N GLU A 251 9.01 -5.97 -21.16
CA GLU A 251 9.21 -4.52 -21.29
C GLU A 251 7.91 -3.77 -21.48
N LYS A 252 6.97 -4.32 -22.24
CA LYS A 252 5.69 -3.72 -22.37
C LYS A 252 4.98 -3.61 -21.04
N VAL A 253 5.04 -4.66 -20.20
CA VAL A 253 4.40 -4.58 -18.89
C VAL A 253 5.05 -3.52 -18.03
N VAL A 254 6.36 -3.50 -18.02
CA VAL A 254 7.12 -2.49 -17.23
C VAL A 254 6.74 -1.09 -17.70
N ASN A 255 6.70 -0.88 -19.01
N ASN A 255 6.73 -0.88 -19.01
CA ASN A 255 6.38 0.46 -19.55
CA ASN A 255 6.44 0.46 -19.57
C ASN A 255 4.99 0.91 -19.22
C ASN A 255 5.01 0.90 -19.26
N LEU A 256 4.04 0.00 -19.37
CA LEU A 256 2.68 0.33 -19.05
C LEU A 256 2.52 0.85 -17.62
N CYS A 257 3.24 0.18 -16.70
CA CYS A 257 3.09 0.42 -15.30
C CYS A 257 4.08 1.44 -14.74
N SER A 258 4.87 2.05 -15.61
CA SER A 258 5.93 2.98 -15.21
C SER A 258 5.34 4.29 -14.70
N PHE A 259 6.11 4.94 -13.84
CA PHE A 259 5.72 6.22 -13.28
C PHE A 259 5.33 7.26 -14.37
N GLU A 260 6.21 7.32 -15.37
CA GLU A 260 6.06 8.24 -16.49
C GLU A 260 4.78 7.94 -17.27
N THR A 261 4.45 6.66 -17.46
CA THR A 261 3.23 6.40 -18.20
C THR A 261 2.07 6.84 -17.38
N LEU A 262 2.02 6.32 -16.16
CA LEU A 262 0.83 6.52 -15.33
C LEU A 262 0.60 7.97 -14.97
N LYS A 263 1.68 8.67 -14.69
CA LYS A 263 1.62 10.06 -14.27
C LYS A 263 0.98 10.90 -15.36
N ASN A 264 1.28 10.53 -16.60
CA ASN A 264 0.93 11.37 -17.79
C ASN A 264 -0.39 11.06 -18.43
N LEU A 265 -1.20 10.20 -17.80
CA LEU A 265 -2.52 9.85 -18.29
C LEU A 265 -3.53 10.88 -17.88
N GLU A 266 -4.50 11.11 -18.76
CA GLU A 266 -5.54 12.07 -18.45
C GLU A 266 -6.31 11.68 -17.23
N ALA A 267 -6.55 10.39 -17.07
CA ALA A 267 -7.23 9.86 -15.94
C ALA A 267 -6.55 10.26 -14.60
N ASN A 268 -5.27 10.54 -14.64
CA ASN A 268 -4.54 10.80 -13.37
C ASN A 268 -4.13 12.27 -13.22
N LYS A 269 -4.80 13.17 -13.98
CA LYS A 269 -4.35 14.61 -14.01
C LYS A 269 -5.32 15.46 -13.24
N GLY A 270 -4.76 16.50 -12.62
CA GLY A 270 -5.59 17.52 -11.93
C GLY A 270 -6.43 17.00 -10.82
N GLU A 271 -7.70 17.34 -10.82
CA GLU A 271 -8.57 16.91 -9.75
C GLU A 271 -9.34 15.63 -10.08
N LYS A 272 -9.05 15.00 -11.22
CA LYS A 272 -9.85 13.83 -11.63
C LYS A 272 -9.76 12.79 -10.50
N ASP A 273 -10.84 12.09 -10.21
CA ASP A 273 -10.81 11.11 -9.13
C ASP A 273 -11.44 9.80 -9.60
N ARG A 274 -11.36 8.78 -8.76
CA ARG A 274 -11.80 7.45 -9.15
C ARG A 274 -13.27 7.45 -9.53
N GLU A 275 -13.61 6.60 -10.48
CA GLU A 275 -14.97 6.43 -10.94
C GLU A 275 -15.79 5.36 -10.23
N ASP A 276 -15.13 4.44 -9.51
CA ASP A 276 -15.87 3.39 -8.86
C ASP A 276 -16.58 3.76 -7.57
N ARG A 277 -15.91 4.55 -6.72
CA ARG A 277 -16.47 4.97 -5.44
C ARG A 277 -15.70 6.24 -5.02
N PRO A 278 -16.19 6.90 -3.98
CA PRO A 278 -15.56 8.19 -3.63
C PRO A 278 -14.15 8.06 -3.10
N GLY A 279 -13.24 8.87 -3.63
CA GLY A 279 -11.88 9.00 -3.04
C GLY A 279 -11.71 10.29 -2.25
N VAL A 280 -10.79 10.28 -1.29
CA VAL A 280 -10.41 11.53 -0.61
C VAL A 280 -9.11 12.06 -1.20
N TYR A 281 -8.60 11.45 -2.23
CA TYR A 281 -7.51 12.02 -2.97
C TYR A 281 -7.86 12.09 -4.44
N ALA A 282 -7.37 13.16 -5.14
CA ALA A 282 -7.35 13.12 -6.59
C ALA A 282 -6.39 12.04 -7.02
N ASN A 283 -6.70 11.40 -8.17
CA ASN A 283 -5.71 10.49 -8.72
C ASN A 283 -4.29 10.97 -8.88
N SER A 284 -4.11 12.22 -9.24
CA SER A 284 -2.82 12.77 -9.39
C SER A 284 -1.96 12.73 -8.10
N ALA A 285 -2.59 12.65 -6.94
CA ALA A 285 -1.88 12.67 -5.67
C ALA A 285 -0.94 11.46 -5.57
N TYR A 286 -1.36 10.36 -6.18
CA TYR A 286 -0.58 9.13 -6.22
C TYR A 286 0.73 9.19 -7.00
N PHE A 287 0.82 10.11 -7.96
CA PHE A 287 2.05 10.25 -8.71
C PHE A 287 2.70 11.60 -8.49
N ARG A 288 3.75 11.63 -7.68
CA ARG A 288 4.39 12.91 -7.35
C ARG A 288 5.64 13.08 -8.12
N LYS A 289 6.73 12.44 -7.73
CA LYS A 289 7.96 12.56 -8.41
C LYS A 289 8.55 11.24 -8.80
N GLY A 290 8.35 10.17 -8.01
CA GLY A 290 8.86 8.92 -8.46
C GLY A 290 10.31 8.71 -8.48
N LYS A 291 11.04 9.44 -7.60
CA LYS A 291 12.46 9.32 -7.56
C LYS A 291 12.95 8.66 -6.28
N VAL A 292 14.21 8.31 -6.30
CA VAL A 292 14.95 7.84 -5.11
C VAL A 292 15.84 9.00 -4.72
N GLY A 293 15.83 9.39 -3.44
CA GLY A 293 16.68 10.47 -2.99
C GLY A 293 16.02 11.82 -2.80
N ASP A 294 14.71 11.92 -3.02
CA ASP A 294 14.09 13.25 -2.91
C ASP A 294 14.12 13.83 -1.50
N TRP A 295 14.35 12.97 -0.47
CA TRP A 295 14.44 13.42 0.89
C TRP A 295 15.40 14.65 1.04
N SER A 296 16.45 14.69 0.25
CA SER A 296 17.50 15.65 0.44
C SER A 296 16.96 17.03 0.12
N ASN A 297 15.87 17.14 -0.61
CA ASN A 297 15.25 18.43 -0.83
C ASN A 297 14.41 18.91 0.32
N TYR A 298 14.21 18.08 1.36
CA TYR A 298 13.28 18.41 2.43
C TYR A 298 13.88 18.35 3.84
N LEU A 299 14.65 17.29 4.10
CA LEU A 299 15.12 16.98 5.44
C LEU A 299 16.53 17.58 5.63
N THR A 300 16.76 18.04 6.83
CA THR A 300 18.09 18.46 7.22
C THR A 300 19.02 17.24 7.44
N PRO A 301 20.33 17.47 7.52
CA PRO A 301 21.20 16.34 7.72
C PRO A 301 20.99 15.70 9.11
N GLU A 302 20.58 16.53 10.08
CA GLU A 302 20.28 16.12 11.42
C GLU A 302 19.04 15.19 11.42
N MET A 303 18.01 15.56 10.67
CA MET A 303 16.84 14.66 10.58
C MET A 303 17.20 13.38 9.91
N ALA A 304 17.93 13.48 8.79
CA ALA A 304 18.31 12.27 8.05
C ALA A 304 19.02 11.26 8.94
N ALA A 305 19.89 11.81 9.78
CA ALA A 305 20.73 10.94 10.61
C ALA A 305 19.93 10.29 11.69
N ARG A 306 18.90 10.94 12.20
CA ARG A 306 18.11 10.37 13.24
C ARG A 306 17.43 9.08 12.74
N ILE A 307 16.80 9.20 11.57
CA ILE A 307 16.00 8.03 11.09
C ILE A 307 16.89 6.90 10.56
N ASP A 308 17.99 7.23 9.89
CA ASP A 308 19.02 6.28 9.48
C ASP A 308 19.51 5.46 10.65
N GLY A 309 19.77 6.14 11.77
CA GLY A 309 20.21 5.42 12.97
C GLY A 309 19.15 4.55 13.58
N LEU A 310 17.93 5.08 13.65
CA LEU A 310 16.84 4.25 14.08
C LEU A 310 16.75 3.01 13.24
N MET A 311 16.88 3.15 11.91
CA MET A 311 16.76 1.98 11.02
C MET A 311 17.92 1.00 11.27
N GLU A 312 19.13 1.53 11.36
CA GLU A 312 20.27 0.64 11.53
C GLU A 312 20.18 -0.04 12.88
N GLU A 313 19.71 0.64 13.92
CA GLU A 313 19.50 -0.03 15.23
C GLU A 313 18.46 -1.13 15.17
N LYS A 314 17.36 -0.90 14.47
CA LYS A 314 16.30 -1.93 14.43
C LYS A 314 16.62 -3.14 13.58
N PHE A 315 17.31 -2.94 12.47
CA PHE A 315 17.49 -3.96 11.41
C PHE A 315 18.87 -4.65 11.39
N LYS A 316 19.76 -4.17 12.25
CA LYS A 316 21.14 -4.72 12.20
C LYS A 316 21.03 -6.20 12.52
N GLY A 317 21.66 -6.99 11.67
CA GLY A 317 21.64 -8.42 11.83
C GLY A 317 20.38 -9.15 11.45
N THR A 318 19.36 -8.45 10.93
CA THR A 318 18.15 -9.13 10.46
C THR A 318 18.23 -9.68 9.06
N GLY A 319 19.15 -9.17 8.25
CA GLY A 319 19.11 -9.41 6.82
C GLY A 319 18.54 -8.27 5.99
N LEU A 320 17.81 -7.35 6.60
CA LEU A 320 17.16 -6.28 5.81
C LEU A 320 18.08 -5.24 5.23
N LEU A 321 19.23 -5.05 5.87
CA LEU A 321 20.22 -4.10 5.34
C LEU A 321 21.18 -4.85 4.44
N GLU A 322 21.12 -6.18 4.43
CA GLU A 322 22.25 -7.04 4.00
C GLU A 322 21.77 -8.24 3.17
P1 A3P B . 7.02 10.02 -4.33
O1P A3P B . 8.41 9.87 -3.84
O2P A3P B . 6.03 10.74 -3.37
O3P A3P B . 6.89 10.57 -5.77
P2 A3P B . 2.08 4.53 -2.67
O4P A3P B . 2.46 3.29 -1.67
O5P A3P B . 1.07 5.48 -2.04
O6P A3P B . 1.54 4.02 -4.00
O5' A3P B . 3.48 5.09 -2.96
C5' A3P B . 3.46 6.38 -3.56
C4' A3P B . 4.87 6.65 -4.11
O4' A3P B . 5.23 5.87 -5.31
C3' A3P B . 5.10 8.15 -4.54
O3' A3P B . 6.48 8.45 -4.41
C2' A3P B . 4.66 7.99 -6.02
O2' A3P B . 5.01 9.11 -6.87
C1' A3P B . 5.42 6.73 -6.44
N9 A3P B . 4.88 6.02 -7.62
C8 A3P B . 3.59 6.01 -8.02
N7 A3P B . 3.39 5.29 -9.13
C5 A3P B . 4.61 4.79 -9.38
C6 A3P B . 5.14 3.91 -10.42
N6 A3P B . 4.29 3.43 -11.30
N1 A3P B . 6.42 3.61 -10.37
C2 A3P B . 7.27 4.08 -9.45
N3 A3P B . 6.90 4.89 -8.49
C4 A3P B . 5.60 5.25 -8.43
C1 EDO C . -10.40 9.26 -13.79
O1 EDO C . -10.89 7.94 -13.46
C2 EDO C . -11.13 9.87 -14.99
O2 EDO C . -12.35 10.50 -14.57
C1 EDO D . -8.66 21.51 5.97
O1 EDO D . -9.37 20.50 6.74
C2 EDO D . -9.28 21.65 4.56
O2 EDO D . -10.05 22.87 4.37
C1 EDO E . -14.14 -11.60 -4.77
O1 EDO E . -12.97 -12.11 -5.40
C2 EDO E . -13.87 -10.16 -4.37
O2 EDO E . -12.95 -9.51 -5.26
C1 EDO F . -6.09 19.56 3.54
O1 EDO F . -7.09 20.25 4.27
C2 EDO F . -4.83 19.95 4.25
O2 EDO F . -4.02 18.79 4.10
C1 EDO G . 9.46 4.25 12.95
O1 EDO G . 9.54 2.83 13.04
C2 EDO G . 10.83 4.87 12.91
O2 EDO G . 11.40 4.72 14.24
C1 EDO H . -11.06 -8.79 15.90
O1 EDO H . -12.12 -9.74 15.83
C2 EDO H . -11.73 -7.47 15.66
O2 EDO H . -12.82 -7.15 16.49
C1 EDO I . -4.10 4.21 2.82
O1 EDO I . -3.88 5.14 3.87
C2 EDO I . -4.90 4.82 1.67
O2 EDO I . -4.57 6.20 1.49
C1 EDO J . -13.62 -11.97 1.14
O1 EDO J . -14.70 -11.72 2.08
C2 EDO J . -13.78 -11.43 -0.30
O2 EDO J . -14.88 -10.54 -0.41
C1 EDO K . -2.28 4.58 -1.29
O1 EDO K . -1.35 4.55 -2.41
C2 EDO K . -1.56 3.88 -0.14
O2 EDO K . -0.21 4.29 0.08
C1 EDO L . -1.08 -6.04 -19.42
O1 EDO L . -2.33 -6.54 -18.83
C2 EDO L . -0.96 -6.05 -20.97
O2 EDO L . -1.78 -5.02 -21.57
C1 EDO M . -10.77 -5.28 -15.19
O1 EDO M . -10.82 -6.67 -14.89
C2 EDO M . -12.14 -4.80 -15.61
O2 EDO M . -12.47 -5.46 -16.87
C1 EDO N . -12.44 -2.19 -11.84
O1 EDO N . -13.76 -2.73 -11.73
C2 EDO N . -12.57 -0.74 -12.39
O2 EDO N . -13.45 0.04 -11.56
C1 EDO O . -11.19 -17.22 -8.51
O1 EDO O . -10.70 -18.11 -7.48
C2 EDO O . -10.82 -17.72 -9.91
O2 EDO O . -9.49 -18.25 -9.87
C1 EDO P . -1.26 -14.42 -18.17
O1 EDO P . -1.51 -15.26 -19.30
C2 EDO P . -2.64 -14.08 -17.64
O2 EDO P . -3.33 -13.11 -18.48
C1 EDO Q . -23.12 -4.06 -14.85
O1 EDO Q . -23.48 -2.95 -14.01
C2 EDO Q . -22.08 -3.66 -15.92
O2 EDO Q . -20.85 -4.42 -15.83
C1 EDO R . 7.84 -6.06 14.52
O1 EDO R . 6.49 -5.75 14.91
C2 EDO R . 8.75 -6.32 15.75
O2 EDO R . 9.12 -5.08 16.41
C1 EDO S . -18.26 -5.81 3.89
O1 EDO S . -18.53 -7.09 4.59
C2 EDO S . -19.64 -5.11 3.87
O2 EDO S . -19.77 -3.77 4.37
C1 EDO T . -20.66 4.23 5.25
O1 EDO T . -20.34 2.90 4.85
C2 EDO T . -20.08 5.13 4.17
O2 EDO T . -19.09 4.44 3.36
C1 EDO U . -17.09 -7.75 -0.62
O1 EDO U . -16.80 -8.88 -1.46
C2 EDO U . -18.55 -7.57 -0.39
O2 EDO U . -19.04 -7.23 -1.69
C1 EDO V . 0.27 22.69 10.97
O1 EDO V . -0.74 22.12 11.79
C2 EDO V . -0.44 23.89 10.42
O2 EDO V . -0.52 24.85 11.47
C1 EDO W . 14.49 -7.18 1.64
O1 EDO W . 14.54 -6.10 0.69
C2 EDO W . 15.90 -7.62 1.97
O2 EDO W . 16.78 -6.58 1.53
C1 EDO X . -8.95 6.87 -0.08
O1 EDO X . -9.52 7.55 -1.28
C2 EDO X . -9.14 5.36 0.00
O2 EDO X . -8.21 4.52 -0.78
O POL Y . -20.61 0.28 -1.75
C1 POL Y . -19.88 0.88 -2.86
C2 POL Y . -20.21 2.33 -3.17
C3 POL Y . -20.11 2.62 -4.67
O POL Z . -12.85 0.01 -16.80
C1 POL Z . -12.82 0.81 -18.00
C2 POL Z . -13.70 2.06 -17.96
C3 POL Z . -13.49 3.01 -19.12
O POL AA . 0.80 8.91 8.69
C1 POL AA . -0.22 9.44 9.59
C2 POL AA . -1.33 10.28 8.97
C3 POL AA . -2.41 9.47 8.24
O POL BA . 14.08 -18.86 5.61
C1 POL BA . 13.99 -18.19 4.34
C2 POL BA . 14.96 -17.01 4.12
C3 POL BA . 15.61 -17.05 2.75
O POL CA . -5.39 -0.19 25.63
C1 POL CA . -4.63 -0.76 24.47
C2 POL CA . -4.78 -0.62 22.90
C3 POL CA . -5.99 -0.96 21.99
#